data_8PCJ
#
_entry.id   8PCJ
#
_cell.length_a   41.840
_cell.length_b   41.840
_cell.length_c   233.280
_cell.angle_alpha   90.000
_cell.angle_beta   90.000
_cell.angle_gamma   120.000
#
_symmetry.space_group_name_H-M   'P 32 2 1'
#
loop_
_entity.id
_entity.type
_entity.pdbx_description
1 polymer Beta-lactamase
2 non-polymer 'BORATE ION'
3 non-polymer 'SULFATE ION'
4 water water
#
_entity_poly.entity_id   1
_entity_poly.type   'polypeptide(L)'
_entity_poly.pdbx_seq_one_letter_code
;QTSAVQQKLAALEKSSGGRLGVALIDTADNTQVLYRGDERFPMCSTSKVMAAAAVLKQSETQKQLLNQPVEIKPADLVNY
NPIAEKHVNGTMTLAELSAAALQYSDNTAMNKLIAQLGGPGGVTAFARAIGDETFRLDRTEPTLNTAIPGDPRDTTTPRA
MAQTLRQLTLGHALGETQRAQLVTWLKGNTTGAASIRAGLPTSWTVGDKTGSGDYGTTNDIAVIWPQGRAPLVLVTYFTQ
PQQNAESRRDVLASAARIIAEGL
;
_entity_poly.pdbx_strand_id   A
#
loop_
_chem_comp.id
_chem_comp.type
_chem_comp.name
_chem_comp.formula
BO4 non-polymer 'BORATE ION' 'B H4 O4 -1'
SO4 non-polymer 'SULFATE ION' 'O4 S -2'
#
# COMPACT_ATOMS: atom_id res chain seq x y z
N SER A 3 -16.44 -5.52 -20.40
CA SER A 3 -15.32 -5.53 -21.31
C SER A 3 -14.54 -6.83 -21.23
N ALA A 4 -13.67 -7.04 -22.23
CA ALA A 4 -12.77 -8.18 -22.20
C ALA A 4 -12.06 -8.27 -20.87
N VAL A 5 -11.59 -7.13 -20.37
CA VAL A 5 -10.74 -7.15 -19.20
C VAL A 5 -11.53 -7.57 -17.98
N GLN A 6 -12.76 -7.09 -17.86
CA GLN A 6 -13.55 -7.48 -16.70
C GLN A 6 -13.94 -8.96 -16.76
N GLN A 7 -14.15 -9.51 -17.95
CA GLN A 7 -14.45 -10.93 -17.99
C GLN A 7 -13.23 -11.75 -17.62
N LYS A 8 -12.05 -11.31 -18.06
CA LYS A 8 -10.84 -12.04 -17.70
C LYS A 8 -10.56 -11.93 -16.20
N LEU A 9 -10.79 -10.74 -15.59
CA LEU A 9 -10.59 -10.65 -14.15
C LEU A 9 -11.58 -11.51 -13.39
N ALA A 10 -12.83 -11.55 -13.84
CA ALA A 10 -13.79 -12.41 -13.16
C ALA A 10 -13.36 -13.87 -13.25
N ALA A 11 -12.86 -14.28 -14.41
CA ALA A 11 -12.41 -15.65 -14.57
C ALA A 11 -11.20 -15.92 -13.71
N LEU A 12 -10.25 -14.99 -13.67
CA LEU A 12 -9.13 -15.15 -12.74
C LEU A 12 -9.64 -15.32 -11.32
N GLU A 13 -10.56 -14.46 -10.92
CA GLU A 13 -11.09 -14.59 -9.57
C GLU A 13 -11.72 -15.95 -9.34
N LYS A 14 -12.53 -16.41 -10.31
CA LYS A 14 -13.20 -17.69 -10.13
C LYS A 14 -12.18 -18.81 -10.03
N SER A 15 -11.09 -18.68 -10.76
CA SER A 15 -10.08 -19.75 -10.74
C SER A 15 -9.32 -19.78 -9.44
N SER A 16 -9.30 -18.65 -8.72
CA SER A 16 -8.46 -18.49 -7.54
C SER A 16 -9.13 -18.90 -6.24
N GLY A 17 -10.45 -18.92 -6.22
CA GLY A 17 -11.19 -19.29 -5.03
C GLY A 17 -11.38 -18.16 -4.04
N GLY A 18 -10.89 -16.99 -4.37
CA GLY A 18 -10.96 -15.88 -3.41
C GLY A 18 -11.76 -14.74 -3.96
N ARG A 19 -11.54 -13.57 -3.39
CA ARG A 19 -12.22 -12.35 -3.75
C ARG A 19 -11.17 -11.33 -4.15
N LEU A 20 -11.29 -10.82 -5.36
CA LEU A 20 -10.31 -9.96 -6.01
C LEU A 20 -10.89 -8.57 -6.20
N GLY A 21 -10.13 -7.55 -5.84
CA GLY A 21 -10.52 -6.18 -6.11
C GLY A 21 -9.41 -5.49 -6.85
N VAL A 22 -9.76 -4.80 -7.92
CA VAL A 22 -8.81 -4.17 -8.79
C VAL A 22 -9.30 -2.76 -9.10
N ALA A 23 -8.37 -1.81 -9.10
CA ALA A 23 -8.69 -0.51 -9.66
C ALA A 23 -7.48 -0.01 -10.40
N LEU A 24 -7.70 0.34 -11.64
CA LEU A 24 -6.67 0.94 -12.50
C LEU A 24 -7.12 2.34 -12.82
N ILE A 25 -6.20 3.30 -12.70
CA ILE A 25 -6.40 4.63 -13.27
C ILE A 25 -5.33 4.82 -14.34
N ASP A 26 -5.75 5.12 -15.55
CA ASP A 26 -4.84 5.49 -16.62
C ASP A 26 -4.81 7.01 -16.65
N THR A 27 -3.68 7.60 -16.26
CA THR A 27 -3.65 9.05 -16.15
C THR A 27 -3.63 9.73 -17.51
N ALA A 28 -3.48 8.96 -18.59
CA ALA A 28 -3.49 9.57 -19.92
C ALA A 28 -4.84 10.21 -20.22
N ASP A 29 -5.93 9.47 -20.01
CA ASP A 29 -7.29 9.97 -20.23
C ASP A 29 -8.14 9.95 -18.96
N ASN A 30 -7.54 9.68 -17.80
CA ASN A 30 -8.24 9.57 -16.53
C ASN A 30 -9.33 8.50 -16.58
N THR A 31 -9.18 7.53 -17.48
CA THR A 31 -10.08 6.40 -17.49
C THR A 31 -9.75 5.47 -16.33
N GLN A 32 -10.78 4.74 -15.88
CA GLN A 32 -10.69 3.85 -14.73
C GLN A 32 -11.21 2.49 -15.15
N VAL A 33 -10.57 1.44 -14.65
CA VAL A 33 -11.07 0.08 -14.78
C VAL A 33 -11.20 -0.47 -13.38
N LEU A 34 -12.37 -0.98 -13.06
CA LEU A 34 -12.70 -1.36 -11.70
C LEU A 34 -13.26 -2.76 -11.69
N TYR A 35 -12.83 -3.53 -10.68
CA TYR A 35 -13.40 -4.84 -10.45
C TYR A 35 -13.60 -4.93 -8.95
N ARG A 36 -14.87 -5.03 -8.52
CA ARG A 36 -15.18 -4.93 -7.10
C ARG A 36 -14.57 -3.65 -6.53
N GLY A 37 -14.68 -2.58 -7.33
CA GLY A 37 -13.95 -1.37 -7.01
C GLY A 37 -14.47 -0.67 -5.77
N ASP A 38 -15.72 -0.92 -5.39
CA ASP A 38 -16.31 -0.25 -4.22
C ASP A 38 -16.54 -1.21 -3.07
N GLU A 39 -15.98 -2.40 -3.13
CA GLU A 39 -16.01 -3.32 -2.01
C GLU A 39 -14.85 -3.05 -1.07
N ARG A 40 -15.09 -3.25 0.23
CA ARG A 40 -14.02 -3.11 1.19
C ARG A 40 -13.13 -4.32 1.24
N PHE A 41 -11.83 -4.06 1.34
CA PHE A 41 -10.84 -5.10 1.54
C PHE A 41 -9.92 -4.72 2.66
N PRO A 42 -9.40 -5.69 3.41
CA PRO A 42 -8.37 -5.38 4.39
C PRO A 42 -7.12 -4.87 3.73
N MET A 43 -6.64 -3.75 4.22
CA MET A 43 -5.48 -3.11 3.62
C MET A 43 -4.18 -3.81 3.94
N CYS A 44 -4.08 -4.36 5.11
CA CYS A 44 -2.84 -4.86 5.65
C CYS A 44 -1.76 -3.81 5.41
N SER A 45 -0.57 -4.25 5.05
CA SER A 45 0.55 -3.28 4.99
C SER A 45 0.44 -2.25 3.90
N THR A 46 -0.57 -2.28 3.03
CA THR A 46 -0.70 -1.19 2.06
C THR A 46 -1.05 0.11 2.78
N SER A 47 -1.52 -0.01 4.03
CA SER A 47 -1.83 1.17 4.83
C SER A 47 -0.58 1.93 5.21
N LYS A 48 0.59 1.32 5.10
CA LYS A 48 1.83 2.00 5.48
C LYS A 48 2.08 3.18 4.60
N VAL A 49 1.53 3.17 3.38
CA VAL A 49 1.75 4.30 2.51
C VAL A 49 1.09 5.52 3.08
N MET A 50 -0.09 5.37 3.66
N MET A 50 -0.09 5.37 3.65
CA MET A 50 -0.80 6.53 4.20
CA MET A 50 -0.81 6.51 4.21
C MET A 50 -0.10 7.06 5.45
C MET A 50 -0.12 7.05 5.44
N ALA A 51 0.44 6.18 6.28
CA ALA A 51 1.16 6.66 7.45
C ALA A 51 2.41 7.41 7.05
N ALA A 52 3.18 6.88 6.09
CA ALA A 52 4.34 7.60 5.64
C ALA A 52 3.98 8.93 5.00
N ALA A 53 2.91 8.96 4.20
CA ALA A 53 2.56 10.20 3.57
C ALA A 53 2.09 11.21 4.59
N ALA A 54 1.45 10.75 5.64
CA ALA A 54 1.00 11.69 6.67
C ALA A 54 2.18 12.34 7.35
N VAL A 55 3.23 11.57 7.62
CA VAL A 55 4.43 12.15 8.21
C VAL A 55 5.07 13.10 7.23
N LEU A 56 5.11 12.72 5.95
CA LEU A 56 5.63 13.64 4.97
C LEU A 56 4.87 14.95 4.98
N LYS A 57 3.54 14.88 5.06
CA LYS A 57 2.76 16.12 5.11
C LYS A 57 3.16 16.97 6.31
N GLN A 58 3.38 16.33 7.46
CA GLN A 58 3.80 17.11 8.63
C GLN A 58 5.10 17.83 8.39
N SER A 59 6.00 17.22 7.63
CA SER A 59 7.31 17.76 7.37
C SER A 59 7.28 18.98 6.45
N GLU A 60 6.13 19.28 5.84
CA GLU A 60 6.06 20.49 5.01
C GLU A 60 6.17 21.72 5.88
N THR A 61 5.72 21.61 7.12
CA THR A 61 5.80 22.69 8.10
C THR A 61 6.93 22.50 9.11
N GLN A 62 7.11 21.29 9.63
CA GLN A 62 8.28 20.97 10.45
C GLN A 62 9.39 20.48 9.54
N LYS A 63 10.21 21.42 9.08
CA LYS A 63 11.10 21.16 7.94
C LYS A 63 12.15 20.11 8.26
N GLN A 64 12.52 19.98 9.52
CA GLN A 64 13.51 19.04 10.01
C GLN A 64 12.90 17.75 10.53
N LEU A 65 11.60 17.55 10.38
CA LEU A 65 10.95 16.44 11.07
C LEU A 65 11.55 15.09 10.66
N LEU A 66 11.90 14.93 9.40
CA LEU A 66 12.30 13.60 8.96
C LEU A 66 13.63 13.21 9.57
N ASN A 67 14.38 14.18 10.08
CA ASN A 67 15.67 13.88 10.67
C ASN A 67 15.57 13.69 12.16
N GLN A 68 14.35 13.65 12.69
CA GLN A 68 14.18 13.52 14.13
C GLN A 68 14.48 12.09 14.54
N PRO A 69 15.39 11.87 15.49
CA PRO A 69 15.68 10.51 15.93
C PRO A 69 14.57 9.98 16.81
N VAL A 70 14.29 8.70 16.65
CA VAL A 70 13.26 8.02 17.40
C VAL A 70 13.90 6.77 17.96
N GLU A 71 13.80 6.57 19.29
N GLU A 71 13.78 6.59 19.28
CA GLU A 71 14.43 5.42 19.92
CA GLU A 71 14.29 5.40 19.96
C GLU A 71 13.63 4.16 19.64
C GLU A 71 13.58 4.15 19.50
N ILE A 72 14.35 3.06 19.35
CA ILE A 72 13.77 1.74 19.14
C ILE A 72 14.09 0.93 20.38
N LYS A 73 13.09 0.62 21.18
CA LYS A 73 13.32 -0.16 22.38
C LYS A 73 12.86 -1.60 22.15
N PRO A 74 13.38 -2.56 22.93
CA PRO A 74 12.90 -3.96 22.76
C PRO A 74 11.40 -4.10 22.86
N ALA A 75 10.77 -3.32 23.73
CA ALA A 75 9.31 -3.39 23.84
C ALA A 75 8.62 -2.96 22.56
N ASP A 76 9.30 -2.20 21.71
CA ASP A 76 8.65 -1.70 20.49
C ASP A 76 8.52 -2.78 19.43
N LEU A 77 9.34 -3.81 19.52
CA LEU A 77 9.41 -4.81 18.47
C LEU A 77 8.14 -5.64 18.44
N VAL A 78 7.60 -5.84 17.24
CA VAL A 78 6.42 -6.69 17.12
C VAL A 78 6.80 -7.93 16.32
N ASN A 79 5.94 -8.33 15.41
CA ASN A 79 6.11 -9.66 14.79
C ASN A 79 7.09 -9.66 13.62
N TYR A 80 7.29 -8.53 12.94
CA TYR A 80 8.08 -8.51 11.71
C TYR A 80 8.78 -7.17 11.62
N ASN A 81 10.07 -7.12 11.93
CA ASN A 81 10.80 -5.86 12.10
C ASN A 81 12.20 -6.02 11.51
N PRO A 82 12.29 -6.30 10.21
CA PRO A 82 13.61 -6.59 9.62
C PRO A 82 14.60 -5.47 9.80
N ILE A 83 14.15 -4.22 9.78
CA ILE A 83 15.06 -3.08 9.89
C ILE A 83 15.15 -2.59 11.32
N ALA A 84 14.01 -2.46 12.00
CA ALA A 84 14.04 -1.95 13.37
C ALA A 84 14.87 -2.85 14.27
N GLU A 85 14.83 -4.16 14.02
CA GLU A 85 15.65 -5.12 14.77
C GLU A 85 17.13 -4.74 14.75
N LYS A 86 17.59 -4.17 13.63
CA LYS A 86 18.99 -3.79 13.47
C LYS A 86 19.35 -2.56 14.27
N HIS A 87 18.37 -1.92 14.89
CA HIS A 87 18.60 -0.63 15.55
C HIS A 87 18.00 -0.60 16.94
N VAL A 88 17.70 -1.77 17.51
CA VAL A 88 17.24 -1.87 18.88
C VAL A 88 18.25 -1.23 19.82
N ASN A 89 17.74 -0.50 20.80
CA ASN A 89 18.57 0.28 21.73
C ASN A 89 19.37 1.35 21.01
N GLY A 90 18.90 1.77 19.85
CA GLY A 90 19.52 2.87 19.15
C GLY A 90 18.38 3.70 18.63
N THR A 91 18.65 4.60 17.69
CA THR A 91 17.61 5.43 17.11
C THR A 91 17.54 5.21 15.61
N MET A 92 16.39 5.54 15.07
CA MET A 92 16.17 5.67 13.64
C MET A 92 15.49 7.00 13.45
N THR A 93 15.84 7.70 12.37
CA THR A 93 15.11 8.91 12.04
C THR A 93 13.74 8.58 11.48
N LEU A 94 12.87 9.59 11.45
CA LEU A 94 11.57 9.35 10.86
C LEU A 94 11.69 9.02 9.39
N ALA A 95 12.70 9.57 8.73
CA ALA A 95 12.89 9.18 7.34
C ALA A 95 13.27 7.71 7.25
N GLU A 96 14.15 7.24 8.12
CA GLU A 96 14.57 5.85 8.06
C GLU A 96 13.42 4.94 8.41
N LEU A 97 12.55 5.37 9.34
CA LEU A 97 11.40 4.56 9.68
C LEU A 97 10.41 4.51 8.54
N SER A 98 10.24 5.63 7.85
CA SER A 98 9.32 5.65 6.72
C SER A 98 9.84 4.73 5.61
N ALA A 99 11.13 4.79 5.34
CA ALA A 99 11.71 3.92 4.32
C ALA A 99 11.56 2.47 4.72
N ALA A 100 11.76 2.18 6.00
CA ALA A 100 11.69 0.81 6.44
C ALA A 100 10.27 0.29 6.33
N ALA A 101 9.32 1.12 6.74
CA ALA A 101 7.93 0.73 6.67
C ALA A 101 7.56 0.45 5.23
N LEU A 102 8.03 1.28 4.32
CA LEU A 102 7.56 1.12 2.94
C LEU A 102 8.34 0.05 2.19
N GLN A 103 9.66 0.04 2.35
CA GLN A 103 10.49 -0.76 1.45
C GLN A 103 10.73 -2.16 1.97
N TYR A 104 10.57 -2.36 3.26
CA TYR A 104 10.73 -3.65 3.89
C TYR A 104 9.49 -4.09 4.63
N SER A 105 8.46 -3.28 4.64
CA SER A 105 7.22 -3.56 5.33
C SER A 105 7.43 -3.77 6.83
N ASP A 106 8.34 -3.01 7.40
CA ASP A 106 8.67 -3.18 8.80
C ASP A 106 7.49 -2.74 9.67
N ASN A 107 7.04 -3.64 10.57
CA ASN A 107 5.83 -3.35 11.34
C ASN A 107 6.14 -2.47 12.53
N THR A 108 7.33 -2.59 13.12
CA THR A 108 7.70 -1.66 14.17
C THR A 108 7.77 -0.24 13.64
N ALA A 109 8.35 -0.07 12.46
CA ALA A 109 8.42 1.26 11.86
C ALA A 109 7.05 1.86 11.67
N MET A 110 6.10 1.05 11.20
CA MET A 110 4.74 1.54 11.03
C MET A 110 4.17 1.99 12.36
N ASN A 111 4.38 1.22 13.42
CA ASN A 111 3.83 1.65 14.71
C ASN A 111 4.46 2.95 15.19
N LYS A 112 5.75 3.18 14.90
CA LYS A 112 6.33 4.47 15.28
C LYS A 112 5.71 5.61 14.47
N LEU A 113 5.43 5.39 13.17
CA LEU A 113 4.77 6.42 12.37
C LEU A 113 3.37 6.70 12.91
N ILE A 114 2.63 5.65 13.28
CA ILE A 114 1.32 5.86 13.86
C ILE A 114 1.42 6.69 15.13
N ALA A 115 2.40 6.37 15.98
CA ALA A 115 2.58 7.11 17.22
C ALA A 115 2.86 8.57 16.94
N GLN A 116 3.72 8.83 15.96
CA GLN A 116 4.06 10.19 15.58
C GLN A 116 2.82 10.98 15.17
N LEU A 117 1.84 10.30 14.61
CA LEU A 117 0.64 10.94 14.13
C LEU A 117 -0.46 10.99 15.21
N GLY A 118 -0.19 10.51 16.39
CA GLY A 118 -1.18 10.56 17.47
C GLY A 118 -2.15 9.42 17.46
N GLY A 119 -1.79 8.32 16.83
CA GLY A 119 -2.63 7.14 16.85
C GLY A 119 -3.22 6.88 15.49
N PRO A 120 -3.94 5.77 15.37
CA PRO A 120 -4.55 5.46 14.08
C PRO A 120 -5.51 6.51 13.60
N GLY A 121 -6.16 7.20 14.52
CA GLY A 121 -7.03 8.33 14.19
C GLY A 121 -6.31 9.45 13.47
N GLY A 122 -5.01 9.61 13.71
CA GLY A 122 -4.24 10.62 13.01
C GLY A 122 -3.92 10.21 11.60
N VAL A 123 -3.75 8.92 11.36
CA VAL A 123 -3.56 8.47 9.99
C VAL A 123 -4.84 8.63 9.20
N THR A 124 -5.94 8.19 9.79
CA THR A 124 -7.24 8.34 9.15
C THR A 124 -7.53 9.79 8.85
N ALA A 125 -7.12 10.69 9.77
CA ALA A 125 -7.40 12.09 9.60
C ALA A 125 -6.71 12.64 8.37
N PHE A 126 -5.50 12.18 8.12
CA PHE A 126 -4.80 12.61 6.94
C PHE A 126 -5.54 12.17 5.68
N ALA A 127 -6.00 10.93 5.65
CA ALA A 127 -6.79 10.48 4.51
C ALA A 127 -7.96 11.42 4.25
N ARG A 128 -8.70 11.74 5.32
CA ARG A 128 -9.84 12.63 5.16
C ARG A 128 -9.41 13.98 4.64
N ALA A 129 -8.27 14.47 5.12
CA ALA A 129 -7.80 15.78 4.74
C ALA A 129 -7.47 15.86 3.27
N ILE A 130 -7.06 14.76 2.66
CA ILE A 130 -6.78 14.77 1.23
C ILE A 130 -7.93 14.23 0.40
N GLY A 131 -9.09 14.01 1.02
CA GLY A 131 -10.30 13.73 0.31
C GLY A 131 -10.67 12.29 0.20
N ASP A 132 -10.05 11.44 0.97
CA ASP A 132 -10.34 10.01 0.98
C ASP A 132 -11.26 9.78 2.18
N GLU A 133 -12.52 9.57 1.89
CA GLU A 133 -13.55 9.33 2.92
C GLU A 133 -13.75 7.86 3.20
N THR A 134 -12.98 7.01 2.56
CA THR A 134 -13.18 5.58 2.63
C THR A 134 -12.18 4.90 3.52
N PHE A 135 -10.91 5.29 3.41
CA PHE A 135 -9.83 4.74 4.22
C PHE A 135 -10.15 4.80 5.69
N ARG A 136 -9.89 3.70 6.40
CA ARG A 136 -9.97 3.79 7.86
C ARG A 136 -8.89 2.91 8.43
N LEU A 137 -8.10 3.49 9.29
CA LEU A 137 -7.10 2.78 10.06
C LEU A 137 -7.59 2.82 11.50
N ASP A 138 -7.77 1.65 12.07
CA ASP A 138 -8.35 1.47 13.37
C ASP A 138 -7.39 0.90 14.40
N ARG A 139 -6.42 0.14 13.96
CA ARG A 139 -5.57 -0.61 14.85
C ARG A 139 -4.12 -0.38 14.47
N THR A 140 -3.24 -0.81 15.35
CA THR A 140 -1.80 -0.76 15.08
C THR A 140 -1.32 -2.13 14.61
N GLU A 141 -0.02 -2.21 14.30
CA GLU A 141 0.54 -3.52 13.99
C GLU A 141 0.73 -4.36 15.25
N PRO A 142 0.51 -5.67 15.18
CA PRO A 142 0.17 -6.45 14.01
C PRO A 142 -1.31 -6.74 13.86
N THR A 143 -2.15 -6.23 14.78
CA THR A 143 -3.54 -6.66 14.73
C THR A 143 -4.31 -6.05 13.58
N LEU A 144 -3.78 -5.05 12.91
CA LEU A 144 -4.55 -4.52 11.77
C LEU A 144 -4.59 -5.50 10.60
N ASN A 145 -3.87 -6.62 10.69
CA ASN A 145 -3.82 -7.60 9.59
C ASN A 145 -4.75 -8.79 9.79
N THR A 146 -5.67 -8.72 10.75
CA THR A 146 -6.51 -9.90 11.00
C THR A 146 -7.41 -10.22 9.81
N ALA A 147 -7.84 -9.21 9.06
CA ALA A 147 -8.50 -9.42 7.76
C ALA A 147 -9.72 -10.32 7.87
N ILE A 148 -10.47 -10.13 8.94
CA ILE A 148 -11.66 -10.93 9.20
C ILE A 148 -12.76 -10.55 8.21
N PRO A 149 -13.37 -11.51 7.53
CA PRO A 149 -14.40 -11.18 6.55
C PRO A 149 -15.51 -10.34 7.16
N GLY A 150 -15.85 -9.26 6.48
CA GLY A 150 -16.93 -8.44 6.94
C GLY A 150 -16.52 -7.39 7.94
N ASP A 151 -15.34 -7.49 8.49
CA ASP A 151 -14.93 -6.54 9.53
C ASP A 151 -14.51 -5.26 8.84
N PRO A 152 -15.12 -4.11 9.13
CA PRO A 152 -14.73 -2.92 8.38
C PRO A 152 -13.45 -2.28 8.90
N ARG A 153 -12.91 -2.74 10.03
CA ARG A 153 -11.70 -2.11 10.54
C ARG A 153 -10.57 -2.26 9.53
N ASP A 154 -9.80 -1.19 9.37
CA ASP A 154 -8.52 -1.26 8.64
C ASP A 154 -8.73 -1.69 7.20
N THR A 155 -9.78 -1.15 6.59
CA THR A 155 -10.13 -1.45 5.22
C THR A 155 -10.17 -0.18 4.38
N THR A 156 -10.09 -0.39 3.08
CA THR A 156 -10.49 0.62 2.13
C THR A 156 -11.02 -0.09 0.89
N THR A 157 -11.39 0.68 -0.10
CA THR A 157 -11.83 0.08 -1.36
C THR A 157 -10.78 0.27 -2.42
N PRO A 158 -10.80 -0.54 -3.45
CA PRO A 158 -9.82 -0.35 -4.50
C PRO A 158 -9.89 1.01 -5.13
N ARG A 159 -11.09 1.47 -5.43
CA ARG A 159 -11.27 2.73 -6.10
C ARG A 159 -10.69 3.84 -5.25
N ALA A 160 -11.00 3.82 -3.95
CA ALA A 160 -10.54 4.88 -3.09
C ALA A 160 -9.02 4.88 -3.00
N MET A 161 -8.43 3.69 -2.87
N MET A 161 -8.43 3.69 -2.86
CA MET A 161 -6.98 3.66 -2.70
CA MET A 161 -6.99 3.62 -2.70
C MET A 161 -6.28 4.08 -3.98
C MET A 161 -6.28 4.05 -3.97
N ALA A 162 -6.83 3.71 -5.14
CA ALA A 162 -6.22 4.13 -6.38
C ALA A 162 -6.22 5.64 -6.49
N GLN A 163 -7.36 6.27 -6.16
CA GLN A 163 -7.43 7.70 -6.29
C GLN A 163 -6.47 8.38 -5.33
N THR A 164 -6.39 7.86 -4.12
CA THR A 164 -5.50 8.45 -3.13
C THR A 164 -4.05 8.23 -3.51
N LEU A 165 -3.69 7.02 -3.96
CA LEU A 165 -2.31 6.81 -4.38
C LEU A 165 -1.95 7.74 -5.51
N ARG A 166 -2.88 7.92 -6.46
CA ARG A 166 -2.63 8.88 -7.53
C ARG A 166 -2.33 10.27 -6.98
N GLN A 167 -3.15 10.74 -6.06
CA GLN A 167 -2.95 12.09 -5.52
C GLN A 167 -1.62 12.24 -4.81
N LEU A 168 -1.21 11.22 -4.06
CA LEU A 168 0.01 11.30 -3.30
C LEU A 168 1.26 11.25 -4.16
N THR A 169 1.22 10.51 -5.26
CA THR A 169 2.43 10.27 -6.03
C THR A 169 2.51 11.09 -7.29
N LEU A 170 1.38 11.28 -7.96
CA LEU A 170 1.32 11.96 -9.24
C LEU A 170 0.68 13.32 -9.12
N GLY A 171 -0.19 13.49 -8.16
CA GLY A 171 -0.83 14.76 -7.87
C GLY A 171 -0.06 15.58 -6.87
N HIS A 172 -0.76 16.50 -6.24
CA HIS A 172 -0.13 17.46 -5.36
C HIS A 172 -0.73 17.47 -3.97
N ALA A 173 -1.15 16.31 -3.48
CA ALA A 173 -1.54 16.22 -2.07
C ALA A 173 -0.35 16.49 -1.15
N LEU A 174 0.85 16.24 -1.64
CA LEU A 174 2.04 16.54 -0.91
C LEU A 174 2.82 17.63 -1.63
N GLY A 175 3.68 18.29 -0.88
CA GLY A 175 4.63 19.21 -1.46
C GLY A 175 5.59 18.51 -2.40
N GLU A 176 6.26 19.31 -3.23
CA GLU A 176 7.06 18.74 -4.31
CA GLU A 176 7.06 18.73 -4.30
C GLU A 176 8.17 17.85 -3.77
N THR A 177 8.89 18.31 -2.74
CA THR A 177 9.97 17.51 -2.19
CA THR A 177 9.97 17.51 -2.19
C THR A 177 9.44 16.25 -1.53
N GLN A 178 8.29 16.36 -0.86
CA GLN A 178 7.72 15.21 -0.19
C GLN A 178 7.23 14.18 -1.18
N ARG A 179 6.56 14.63 -2.23
CA ARG A 179 6.08 13.73 -3.26
C ARG A 179 7.23 12.99 -3.89
N ALA A 180 8.31 13.69 -4.20
CA ALA A 180 9.44 13.05 -4.83
C ALA A 180 10.03 11.99 -3.90
N GLN A 181 10.03 12.28 -2.60
CA GLN A 181 10.58 11.34 -1.64
C GLN A 181 9.72 10.09 -1.58
N LEU A 182 8.41 10.28 -1.56
CA LEU A 182 7.53 9.12 -1.52
C LEU A 182 7.75 8.26 -2.75
N VAL A 183 7.83 8.89 -3.91
CA VAL A 183 8.05 8.13 -5.16
C VAL A 183 9.35 7.37 -5.08
N THR A 184 10.41 8.03 -4.61
CA THR A 184 11.68 7.35 -4.48
C THR A 184 11.57 6.16 -3.55
N TRP A 185 10.87 6.32 -2.45
CA TRP A 185 10.70 5.20 -1.52
C TRP A 185 9.95 4.05 -2.18
N LEU A 186 8.86 4.36 -2.85
CA LEU A 186 8.06 3.28 -3.45
C LEU A 186 8.85 2.54 -4.53
N LYS A 187 9.60 3.30 -5.35
CA LYS A 187 10.38 2.68 -6.42
C LYS A 187 11.44 1.74 -5.87
N GLY A 188 11.89 1.96 -4.65
CA GLY A 188 12.86 1.15 -3.96
C GLY A 188 12.28 0.03 -3.15
N ASN A 189 10.99 -0.25 -3.30
CA ASN A 189 10.42 -1.36 -2.56
C ASN A 189 11.15 -2.64 -2.86
N THR A 190 11.35 -3.47 -1.83
CA THR A 190 12.02 -4.75 -1.99
C THR A 190 11.09 -5.95 -1.96
N THR A 191 9.81 -5.77 -1.61
CA THR A 191 8.92 -6.90 -1.33
C THR A 191 7.98 -7.23 -2.49
N GLY A 192 8.15 -6.58 -3.64
CA GLY A 192 7.11 -6.57 -4.65
C GLY A 192 7.37 -7.44 -5.85
N ALA A 193 8.49 -8.17 -5.87
CA ALA A 193 8.93 -8.77 -7.12
C ALA A 193 7.95 -9.80 -7.68
N ALA A 194 7.17 -10.46 -6.82
CA ALA A 194 6.29 -11.54 -7.24
C ALA A 194 4.84 -11.10 -7.39
N SER A 195 4.56 -9.82 -7.18
CA SER A 195 3.21 -9.29 -7.16
C SER A 195 2.98 -8.51 -8.45
N ILE A 196 2.49 -7.28 -8.41
CA ILE A 196 2.14 -6.57 -9.64
C ILE A 196 3.31 -6.58 -10.61
N ARG A 197 4.54 -6.44 -10.10
CA ARG A 197 5.69 -6.27 -10.98
C ARG A 197 5.85 -7.47 -11.89
N ALA A 198 5.46 -8.64 -11.40
CA ALA A 198 5.71 -9.89 -12.12
C ALA A 198 4.79 -10.08 -13.32
N GLY A 199 3.71 -9.32 -13.39
CA GLY A 199 2.77 -9.33 -14.50
C GLY A 199 3.01 -8.28 -15.53
N LEU A 200 4.09 -7.49 -15.38
CA LEU A 200 4.31 -6.33 -16.21
C LEU A 200 5.62 -6.45 -16.99
N PRO A 201 5.70 -5.79 -18.14
CA PRO A 201 6.97 -5.73 -18.88
C PRO A 201 8.11 -5.30 -17.97
N THR A 202 9.26 -5.94 -18.16
CA THR A 202 10.41 -5.68 -17.30
C THR A 202 10.96 -4.27 -17.51
N SER A 203 10.58 -3.63 -18.61
CA SER A 203 11.06 -2.29 -18.93
C SER A 203 10.29 -1.22 -18.16
N TRP A 204 9.10 -1.54 -17.67
CA TRP A 204 8.30 -0.57 -16.95
C TRP A 204 8.88 -0.33 -15.57
N THR A 205 8.79 0.92 -15.12
CA THR A 205 9.21 1.28 -13.79
C THR A 205 8.00 1.23 -12.88
N VAL A 206 8.16 0.58 -11.76
CA VAL A 206 7.08 0.36 -10.81
C VAL A 206 7.50 0.84 -9.44
N GLY A 207 6.59 1.50 -8.72
CA GLY A 207 6.77 1.77 -7.33
C GLY A 207 5.59 1.14 -6.67
N ASP A 208 5.80 0.35 -5.63
CA ASP A 208 4.65 -0.36 -5.09
C ASP A 208 4.81 -0.56 -3.60
N LYS A 209 3.69 -0.93 -2.96
CA LYS A 209 3.68 -1.39 -1.60
C LYS A 209 2.78 -2.61 -1.52
N THR A 210 3.34 -3.70 -1.05
CA THR A 210 2.59 -4.93 -0.85
C THR A 210 1.88 -4.93 0.50
N GLY A 211 1.01 -5.89 0.66
CA GLY A 211 0.48 -6.19 1.97
C GLY A 211 0.03 -7.62 2.05
N SER A 212 0.11 -8.17 3.23
CA SER A 212 -0.26 -9.55 3.45
CA SER A 212 -0.25 -9.56 3.46
C SER A 212 -0.87 -9.66 4.85
N GLY A 213 -1.78 -10.59 5.00
CA GLY A 213 -2.43 -10.75 6.27
C GLY A 213 -3.09 -12.09 6.37
N ASP A 214 -3.89 -12.26 7.41
CA ASP A 214 -4.65 -13.48 7.56
C ASP A 214 -5.67 -13.60 6.44
N TYR A 215 -6.37 -14.72 6.44
CA TYR A 215 -7.32 -15.02 5.36
C TYR A 215 -6.64 -14.95 3.99
N GLY A 216 -5.35 -15.28 3.95
CA GLY A 216 -4.63 -15.35 2.70
C GLY A 216 -4.64 -14.02 2.00
N THR A 217 -4.76 -12.94 2.77
CA THR A 217 -4.88 -11.63 2.15
C THR A 217 -3.56 -11.25 1.50
N THR A 218 -3.64 -10.81 0.25
CA THR A 218 -2.46 -10.62 -0.58
C THR A 218 -2.75 -9.40 -1.42
N ASN A 219 -2.04 -8.31 -1.16
CA ASN A 219 -2.36 -7.02 -1.74
C ASN A 219 -1.12 -6.37 -2.35
N ASP A 220 -1.37 -5.45 -3.25
CA ASP A 220 -0.24 -4.67 -3.80
C ASP A 220 -0.87 -3.43 -4.39
N ILE A 221 -0.25 -2.29 -4.18
CA ILE A 221 -0.70 -1.06 -4.78
C ILE A 221 0.51 -0.47 -5.45
N ALA A 222 0.32 0.05 -6.65
CA ALA A 222 1.43 0.44 -7.47
C ALA A 222 1.15 1.67 -8.30
N VAL A 223 2.21 2.41 -8.55
N VAL A 223 2.20 2.44 -8.50
CA VAL A 223 2.25 3.45 -9.56
CA VAL A 223 2.27 3.42 -9.57
C VAL A 223 3.25 3.00 -10.61
C VAL A 223 3.19 2.85 -10.62
N ILE A 224 2.84 3.04 -11.88
CA ILE A 224 3.54 2.39 -12.96
C ILE A 224 3.87 3.44 -14.00
N TRP A 225 5.14 3.50 -14.37
CA TRP A 225 5.64 4.41 -15.39
C TRP A 225 6.05 3.56 -16.59
N PRO A 226 5.18 3.29 -17.54
CA PRO A 226 5.62 2.60 -18.76
C PRO A 226 6.59 3.50 -19.51
N GLN A 227 7.51 2.89 -20.25
CA GLN A 227 8.46 3.66 -21.09
C GLN A 227 7.63 4.23 -22.24
N GLY A 228 7.68 5.55 -22.44
CA GLY A 228 6.95 6.28 -23.46
C GLY A 228 5.45 6.17 -23.34
N ARG A 229 4.89 6.62 -22.22
CA ARG A 229 3.47 6.46 -21.98
C ARG A 229 3.13 7.03 -20.60
N ALA A 230 1.96 7.64 -20.47
CA ALA A 230 1.55 8.23 -19.21
C ALA A 230 1.52 7.16 -18.12
N PRO A 231 1.70 7.54 -16.87
CA PRO A 231 1.70 6.56 -15.81
C PRO A 231 0.31 6.07 -15.48
N LEU A 232 0.31 4.96 -14.79
CA LEU A 232 -0.88 4.25 -14.39
C LEU A 232 -0.77 4.05 -12.89
N VAL A 233 -1.93 3.99 -12.25
CA VAL A 233 -2.03 3.61 -10.86
C VAL A 233 -2.83 2.32 -10.82
N LEU A 234 -2.30 1.30 -10.15
CA LEU A 234 -2.97 0.02 -10.11
C LEU A 234 -3.01 -0.51 -8.68
N VAL A 235 -4.21 -0.84 -8.21
CA VAL A 235 -4.42 -1.43 -6.90
CA VAL A 235 -4.41 -1.43 -6.89
C VAL A 235 -5.01 -2.80 -7.10
N THR A 236 -4.42 -3.82 -6.46
CA THR A 236 -4.92 -5.19 -6.54
C THR A 236 -5.03 -5.72 -5.11
N TYR A 237 -6.24 -6.01 -4.68
CA TYR A 237 -6.49 -6.58 -3.37
CA TYR A 237 -6.50 -6.57 -3.37
C TYR A 237 -7.05 -7.98 -3.54
N PHE A 238 -6.65 -8.89 -2.64
CA PHE A 238 -7.14 -10.25 -2.79
C PHE A 238 -7.25 -10.84 -1.40
N THR A 239 -8.35 -11.50 -1.12
CA THR A 239 -8.50 -12.18 0.16
C THR A 239 -9.32 -13.44 -0.06
N GLN A 240 -9.22 -14.34 0.90
CA GLN A 240 -9.70 -15.69 0.72
C GLN A 240 -10.58 -16.12 1.89
N PRO A 241 -11.35 -17.19 1.72
CA PRO A 241 -12.33 -17.52 2.76
C PRO A 241 -11.77 -18.28 3.95
N GLN A 242 -10.58 -18.86 3.87
CA GLN A 242 -10.02 -19.66 4.95
CA GLN A 242 -10.03 -19.66 4.96
C GLN A 242 -9.03 -18.82 5.74
N GLN A 243 -9.14 -18.84 7.08
CA GLN A 243 -8.31 -17.96 7.89
C GLN A 243 -6.83 -18.24 7.68
N ASN A 244 -6.48 -19.50 7.45
CA ASN A 244 -5.09 -19.93 7.32
CA ASN A 244 -5.09 -19.92 7.32
C ASN A 244 -4.67 -20.10 5.86
N ALA A 245 -5.39 -19.50 4.91
CA ALA A 245 -5.05 -19.66 3.51
C ALA A 245 -3.68 -19.10 3.22
N GLU A 246 -3.03 -19.65 2.21
CA GLU A 246 -1.70 -19.17 1.86
C GLU A 246 -1.79 -17.95 0.94
N SER A 247 -0.72 -17.16 0.96
CA SER A 247 -0.64 -15.99 0.11
CA SER A 247 -0.66 -15.98 0.11
C SER A 247 -0.70 -16.39 -1.36
N ARG A 248 -1.27 -15.52 -2.17
CA ARG A 248 -1.42 -15.79 -3.60
C ARG A 248 -0.94 -14.58 -4.40
N ARG A 249 0.34 -14.30 -4.30
CA ARG A 249 0.92 -13.19 -5.07
CA ARG A 249 0.92 -13.19 -5.06
C ARG A 249 0.75 -13.40 -6.56
N ASP A 250 0.68 -14.66 -7.02
CA ASP A 250 0.49 -14.95 -8.44
C ASP A 250 -0.82 -14.39 -8.98
N VAL A 251 -1.85 -14.32 -8.14
CA VAL A 251 -3.11 -13.70 -8.55
C VAL A 251 -2.91 -12.24 -8.88
N LEU A 252 -2.11 -11.54 -8.07
CA LEU A 252 -1.87 -10.14 -8.34
C LEU A 252 -1.06 -9.94 -9.61
N ALA A 253 -0.04 -10.77 -9.80
CA ALA A 253 0.73 -10.76 -11.04
C ALA A 253 -0.21 -11.00 -12.24
N SER A 254 -1.12 -11.97 -12.11
CA SER A 254 -2.00 -12.29 -13.20
C SER A 254 -2.97 -11.17 -13.51
N ALA A 255 -3.47 -10.49 -12.47
CA ALA A 255 -4.37 -9.39 -12.69
C ALA A 255 -3.65 -8.24 -13.36
N ALA A 256 -2.40 -7.97 -12.96
CA ALA A 256 -1.63 -6.94 -13.62
C ALA A 256 -1.44 -7.27 -15.09
N ARG A 257 -1.15 -8.54 -15.36
CA ARG A 257 -0.92 -8.96 -16.73
C ARG A 257 -2.16 -8.74 -17.57
N ILE A 258 -3.33 -9.08 -17.01
CA ILE A 258 -4.58 -8.91 -17.73
C ILE A 258 -4.84 -7.43 -18.02
N ILE A 259 -4.56 -6.58 -17.05
CA ILE A 259 -4.67 -5.13 -17.24
C ILE A 259 -3.69 -4.65 -18.30
N ALA A 260 -2.44 -5.10 -18.21
CA ALA A 260 -1.44 -4.68 -19.17
C ALA A 260 -1.84 -5.04 -20.59
N GLU A 261 -2.46 -6.20 -20.80
CA GLU A 261 -3.11 -6.54 -22.07
C GLU A 261 -4.29 -5.60 -22.33
N GLY A 262 -4.09 -4.51 -23.05
CA GLY A 262 -5.21 -3.63 -23.34
C GLY A 262 -4.80 -2.18 -23.40
N LEU A 263 -3.62 -1.89 -22.89
CA LEU A 263 -3.10 -0.54 -22.85
C LEU A 263 -2.01 -0.33 -23.90
B BO4 B . 2.21 -6.14 6.06
O1 BO4 B . 0.98 -6.50 5.63
O2 BO4 B . 3.13 -6.64 5.20
O3 BO4 B . 2.46 -6.53 7.34
HO1 BO4 B . 0.51 -6.92 6.34
HO2 BO4 B . 3.86 -6.97 5.69
HO3 BO4 B . 2.00 -5.95 7.93
S SO4 C . 4.26 -7.21 3.22
S SO4 C . 4.17 -8.02 2.62
O1 SO4 C . 3.17 -7.64 2.35
O1 SO4 C . 3.83 -6.62 2.85
O2 SO4 C . 5.15 -8.35 3.49
O2 SO4 C . 3.90 -8.76 3.86
O3 SO4 C . 3.76 -6.71 4.49
O3 SO4 C . 5.60 -8.15 2.29
O4 SO4 C . 5.00 -6.15 2.54
O4 SO4 C . 3.38 -8.55 1.53
#